data_3NJ8
#
_entry.id   3NJ8
#
_cell.length_a   78.256
_cell.length_b   78.256
_cell.length_c   189.077
_cell.angle_alpha   90.00
_cell.angle_beta   90.00
_cell.angle_gamma   120.00
#
_symmetry.space_group_name_H-M   'P 32 2 1'
#
loop_
_entity.id
_entity.type
_entity.pdbx_description
1 polymer 'Enoyl-acyl carrier reductase'
2 non-polymer NICOTINAMIDE-ADENINE-DINUCLEOTIDE
3 non-polymer 3-chloro-4-(2-hydroxy-4-propylphenoxy)benzonitrile
4 water water
#
_entity_poly.entity_id   1
_entity_poly.type   'polypeptide(L)'
_entity_poly.pdbx_seq_one_letter_code
;SAFPIDLRGQTAFVAGVADSHGYGWAIAKHLASAGARVALGTWPPVLGLFQKSLQSGRLDEDRKLPDGSLIEFAGVYPLD
AAFDKPEDVPQDIKDNKRYAGVDGYTIKEVAVKVKQDLGNIDILVHSLANGPEVTKPLLETSRKGYLAASSNSAYSFVSL
LQHFGPIMNEGGSAVTLSYLAAERVVPGYGGGMSSAKAALESDTRTLAWEAGQKYGVRVNAISAGPLKSRAASAIGKSGE
KSFIDYAIDYSYNNAPLRRDLHSDDVGGAALFLLSPLARAVSGVTLYVDNGLHAMGQAVDSRSMPPLQRATQEIN
;
_entity_poly.pdbx_strand_id   A,B
#
# COMPACT_ATOMS: atom_id res chain seq x y z
N PHE A 3 -3.47 -1.67 18.73
CA PHE A 3 -4.47 -2.75 18.44
C PHE A 3 -4.89 -2.82 16.97
N PRO A 4 -4.74 -1.70 16.22
CA PRO A 4 -5.02 -1.73 14.78
C PRO A 4 -4.00 -2.61 14.07
N ILE A 5 -2.78 -2.62 14.59
CA ILE A 5 -1.73 -3.53 14.15
C ILE A 5 -1.15 -4.25 15.36
N ASP A 6 -1.59 -5.49 15.58
CA ASP A 6 -1.08 -6.30 16.67
C ASP A 6 -0.52 -7.60 16.11
N LEU A 7 0.78 -7.83 16.33
CA LEU A 7 1.44 -9.02 15.81
C LEU A 7 1.98 -9.92 16.91
N ARG A 8 1.37 -9.84 18.09
CA ARG A 8 1.75 -10.70 19.21
C ARG A 8 1.38 -12.14 18.90
N GLY A 9 2.32 -13.05 19.11
CA GLY A 9 2.11 -14.46 18.80
C GLY A 9 2.62 -14.84 17.42
N GLN A 10 2.73 -13.85 16.54
CA GLN A 10 3.26 -14.10 15.19
C GLN A 10 4.77 -14.04 15.18
N THR A 11 5.39 -14.89 14.36
CA THR A 11 6.84 -14.92 14.22
C THR A 11 7.25 -14.53 12.80
N ALA A 12 8.33 -13.77 12.70
CA ALA A 12 8.78 -13.24 11.41
C ALA A 12 10.24 -13.58 11.15
N PHE A 13 10.55 -13.86 9.89
CA PHE A 13 11.93 -14.09 9.49
C PHE A 13 12.37 -13.05 8.46
N VAL A 14 13.34 -12.21 8.84
CA VAL A 14 13.82 -11.15 7.98
C VAL A 14 15.17 -11.49 7.38
N ALA A 15 15.16 -11.97 6.14
CA ALA A 15 16.37 -12.36 5.45
C ALA A 15 17.10 -11.16 4.84
N GLY A 16 18.36 -10.99 5.23
CA GLY A 16 19.18 -9.93 4.65
C GLY A 16 19.39 -8.76 5.59
N VAL A 17 19.98 -9.04 6.74
CA VAL A 17 20.28 -8.00 7.74
C VAL A 17 21.69 -8.19 8.27
N ALA A 18 22.59 -7.26 7.93
CA ALA A 18 23.97 -7.32 8.39
C ALA A 18 24.33 -6.12 9.27
N ASP A 19 23.60 -5.03 9.10
CA ASP A 19 23.90 -3.79 9.80
C ASP A 19 22.63 -3.09 10.26
N SER A 20 22.73 -1.78 10.48
CA SER A 20 21.61 -1.00 10.99
C SER A 20 21.37 0.24 10.15
N HIS A 21 21.62 0.13 8.84
CA HIS A 21 21.42 1.24 7.92
C HIS A 21 20.44 0.87 6.81
N GLY A 22 20.38 -0.42 6.50
CA GLY A 22 19.54 -0.90 5.41
C GLY A 22 18.07 -0.96 5.76
N TYR A 23 17.22 -0.94 4.74
CA TYR A 23 15.78 -1.08 4.93
C TYR A 23 15.49 -2.32 5.76
N GLY A 24 16.25 -3.37 5.53
CA GLY A 24 16.11 -4.61 6.29
C GLY A 24 15.94 -4.32 7.77
N TRP A 25 16.95 -3.67 8.35
CA TRP A 25 16.89 -3.28 9.74
C TRP A 25 15.55 -2.63 10.09
N ALA A 26 15.22 -1.55 9.38
CA ALA A 26 13.99 -0.80 9.63
C ALA A 26 12.75 -1.68 9.75
N ILE A 27 12.73 -2.79 9.03
CA ILE A 27 11.57 -3.66 9.05
C ILE A 27 11.52 -4.52 10.31
N ALA A 28 12.62 -5.22 10.58
CA ALA A 28 12.75 -5.97 11.82
C ALA A 28 12.31 -5.09 12.98
N LYS A 29 12.71 -3.82 12.93
CA LYS A 29 12.37 -2.86 13.98
C LYS A 29 10.88 -2.53 13.98
N HIS A 30 10.27 -2.55 12.80
CA HIS A 30 8.85 -2.23 12.68
C HIS A 30 7.97 -3.45 12.87
N LEU A 31 8.48 -4.62 12.52
CA LEU A 31 7.77 -5.86 12.76
C LEU A 31 7.67 -6.11 14.26
N ALA A 32 8.60 -5.52 15.00
CA ALA A 32 8.80 -5.86 16.41
C ALA A 32 8.10 -4.93 17.40
N SER A 33 7.99 -3.65 17.05
CA SER A 33 7.21 -2.73 17.88
C SER A 33 5.76 -3.19 17.85
N ALA A 34 5.36 -3.78 16.73
CA ALA A 34 4.07 -4.42 16.61
C ALA A 34 4.02 -5.68 17.48
N GLY A 35 5.15 -5.99 18.11
CA GLY A 35 5.22 -7.08 19.08
C GLY A 35 5.55 -8.45 18.51
N ALA A 36 5.70 -8.54 17.20
CA ALA A 36 6.06 -9.80 16.57
C ALA A 36 7.41 -10.28 17.06
N ARG A 37 7.58 -11.60 17.16
CA ARG A 37 8.89 -12.15 17.45
C ARG A 37 9.68 -12.22 16.14
N VAL A 38 10.88 -11.67 16.14
CA VAL A 38 11.62 -11.49 14.90
C VAL A 38 12.93 -12.27 14.85
N ALA A 39 13.17 -12.93 13.73
CA ALA A 39 14.42 -13.64 13.48
C ALA A 39 15.13 -13.08 12.24
N LEU A 40 16.45 -13.25 12.19
CA LEU A 40 17.26 -12.64 11.15
C LEU A 40 18.12 -13.63 10.40
N GLY A 41 18.32 -13.35 9.12
CA GLY A 41 19.30 -14.08 8.31
C GLY A 41 20.40 -13.13 7.90
N THR A 42 21.62 -13.42 8.32
CA THR A 42 22.75 -12.58 7.96
C THR A 42 23.74 -13.31 7.05
N TRP A 43 24.06 -12.67 5.94
CA TRP A 43 25.06 -13.16 5.00
C TRP A 43 26.33 -13.53 5.77
N PRO A 44 26.72 -14.82 5.72
CA PRO A 44 27.75 -15.45 6.55
C PRO A 44 29.03 -14.64 6.77
N PRO A 45 29.61 -14.09 5.70
CA PRO A 45 30.90 -13.41 5.79
C PRO A 45 30.93 -12.22 6.75
N VAL A 46 29.77 -11.71 7.15
CA VAL A 46 29.74 -10.56 8.06
C VAL A 46 28.83 -10.77 9.27
N LEU A 47 28.64 -12.03 9.65
CA LEU A 47 27.88 -12.37 10.85
C LEU A 47 28.68 -11.98 12.10
N GLY A 48 29.99 -12.18 12.05
CA GLY A 48 30.86 -11.83 13.16
C GLY A 48 30.80 -10.35 13.45
N LEU A 49 31.02 -9.53 12.41
CA LEU A 49 31.00 -8.08 12.57
C LEU A 49 29.64 -7.59 13.04
N PHE A 50 28.58 -8.26 12.58
CA PHE A 50 27.21 -7.89 12.96
C PHE A 50 26.89 -8.31 14.40
N GLN A 51 27.09 -9.59 14.69
CA GLN A 51 26.86 -10.11 16.04
C GLN A 51 27.60 -9.30 17.10
N LYS A 52 28.80 -8.86 16.75
CA LYS A 52 29.64 -8.11 17.71
C LYS A 52 29.12 -6.70 17.96
N SER A 53 28.63 -6.05 16.91
CA SER A 53 28.00 -4.74 17.07
C SER A 53 26.81 -4.84 18.00
N LEU A 54 26.09 -5.96 17.90
CA LEU A 54 24.96 -6.20 18.78
C LEU A 54 25.42 -6.44 20.22
N GLN A 55 26.19 -7.51 20.41
CA GLN A 55 26.68 -7.87 21.73
C GLN A 55 27.31 -6.66 22.45
N SER A 56 28.04 -5.85 21.69
CA SER A 56 28.79 -4.73 22.27
C SER A 56 27.90 -3.58 22.73
N GLY A 57 26.92 -3.22 21.92
CA GLY A 57 26.00 -2.13 22.25
C GLY A 57 26.07 -0.96 21.30
N ARG A 58 26.93 -1.07 20.29
CA ARG A 58 27.09 0.00 19.31
C ARG A 58 25.77 0.38 18.64
N LEU A 59 24.87 -0.59 18.53
CA LEU A 59 23.61 -0.37 17.82
C LEU A 59 22.42 -0.18 18.75
N ASP A 60 22.70 -0.01 20.04
CA ASP A 60 21.64 0.24 21.04
C ASP A 60 20.82 1.47 20.68
N GLU A 61 21.48 2.48 20.12
CA GLU A 61 20.82 3.71 19.71
C GLU A 61 19.81 3.42 18.60
N ASP A 62 20.12 2.44 17.76
CA ASP A 62 19.27 2.06 16.63
C ASP A 62 18.23 1.02 17.04
N ARG A 63 18.44 0.37 18.18
CA ARG A 63 17.56 -0.69 18.64
C ARG A 63 16.45 -0.19 19.58
N LYS A 64 16.40 1.12 19.81
CA LYS A 64 15.38 1.68 20.68
C LYS A 64 14.05 1.86 19.95
N LEU A 65 12.99 1.31 20.54
CA LEU A 65 11.65 1.48 19.99
C LEU A 65 11.04 2.75 20.58
N PRO A 66 9.83 3.12 20.12
CA PRO A 66 9.13 4.28 20.66
C PRO A 66 9.06 4.30 22.18
N ASP A 67 8.50 3.24 22.76
CA ASP A 67 8.26 3.19 24.22
C ASP A 67 9.53 3.26 25.07
N GLY A 68 10.68 3.00 24.46
CA GLY A 68 11.94 3.08 25.17
C GLY A 68 12.42 1.74 25.71
N SER A 69 12.03 0.67 25.04
CA SER A 69 12.62 -0.65 25.30
C SER A 69 13.45 -1.05 24.08
N LEU A 70 14.19 -2.14 24.19
CA LEU A 70 15.13 -2.53 23.15
C LEU A 70 14.63 -3.71 22.34
N ILE A 71 14.84 -3.66 21.02
CA ILE A 71 14.44 -4.75 20.16
C ILE A 71 15.39 -5.92 20.33
N GLU A 72 14.84 -7.10 20.59
CA GLU A 72 15.63 -8.31 20.67
C GLU A 72 15.26 -9.24 19.53
N PHE A 73 16.13 -10.20 19.24
CA PHE A 73 15.90 -11.13 18.15
C PHE A 73 15.78 -12.57 18.63
N ALA A 74 14.86 -13.30 18.04
CA ALA A 74 14.61 -14.69 18.42
C ALA A 74 15.73 -15.60 17.94
N GLY A 75 16.48 -15.13 16.96
CA GLY A 75 17.60 -15.88 16.43
C GLY A 75 18.28 -15.17 15.28
N VAL A 76 19.62 -15.19 15.29
CA VAL A 76 20.40 -14.64 14.20
C VAL A 76 20.99 -15.78 13.38
N TYR A 77 20.45 -15.98 12.19
CA TYR A 77 20.81 -17.13 11.37
C TYR A 77 21.79 -16.82 10.26
N PRO A 78 22.90 -17.56 10.21
CA PRO A 78 23.80 -17.52 9.06
C PRO A 78 23.03 -17.97 7.83
N LEU A 79 23.16 -17.23 6.74
CA LEU A 79 22.32 -17.44 5.57
C LEU A 79 22.96 -16.86 4.31
N ASP A 80 23.32 -17.73 3.37
CA ASP A 80 23.74 -17.27 2.05
C ASP A 80 22.63 -17.56 1.04
N ALA A 81 22.07 -16.51 0.48
CA ALA A 81 20.92 -16.64 -0.41
C ALA A 81 21.27 -17.14 -1.81
N ALA A 82 22.56 -17.21 -2.11
CA ALA A 82 23.01 -17.67 -3.42
C ALA A 82 22.87 -19.19 -3.51
N PHE A 83 22.70 -19.82 -2.36
CA PHE A 83 22.65 -21.27 -2.27
C PHE A 83 21.33 -21.78 -1.74
N ASP A 84 20.99 -23.03 -2.06
CA ASP A 84 19.76 -23.64 -1.59
C ASP A 84 20.06 -24.83 -0.70
N LYS A 85 21.07 -25.60 -1.08
CA LYS A 85 21.36 -26.87 -0.43
C LYS A 85 22.85 -27.00 -0.14
N PRO A 86 23.18 -27.70 0.95
CA PRO A 86 24.58 -27.97 1.29
C PRO A 86 25.38 -28.43 0.06
N GLU A 87 24.75 -29.23 -0.79
CA GLU A 87 25.40 -29.79 -1.97
C GLU A 87 25.61 -28.76 -3.07
N ASP A 88 25.00 -27.59 -2.92
CA ASP A 88 25.17 -26.50 -3.88
C ASP A 88 26.45 -25.72 -3.60
N VAL A 89 27.05 -25.97 -2.45
CA VAL A 89 28.22 -25.21 -2.02
C VAL A 89 29.52 -25.77 -2.59
N PRO A 90 30.30 -24.90 -3.27
CA PRO A 90 31.59 -25.25 -3.85
C PRO A 90 32.72 -25.17 -2.83
N GLN A 91 33.68 -26.08 -2.95
CA GLN A 91 34.80 -26.15 -2.02
C GLN A 91 35.54 -24.82 -1.91
N ASP A 92 35.46 -24.01 -2.97
CA ASP A 92 36.00 -22.66 -2.95
C ASP A 92 35.62 -22.01 -1.63
N ILE A 93 34.34 -22.06 -1.32
CA ILE A 93 33.77 -21.45 -0.13
C ILE A 93 33.83 -22.37 1.08
N LYS A 94 33.43 -23.61 0.89
CA LYS A 94 33.46 -24.59 1.97
C LYS A 94 34.65 -24.28 2.87
N ASP A 95 35.70 -23.75 2.25
CA ASP A 95 36.90 -23.38 2.96
C ASP A 95 37.34 -21.96 2.61
N ASN A 96 36.46 -20.99 2.80
CA ASN A 96 36.83 -19.59 2.71
C ASN A 96 36.99 -19.01 4.10
N LYS A 97 38.18 -18.52 4.40
CA LYS A 97 38.53 -18.02 5.72
C LYS A 97 37.38 -17.28 6.39
N ARG A 98 36.66 -16.48 5.60
CA ARG A 98 35.53 -15.71 6.11
C ARG A 98 34.30 -16.58 6.32
N TYR A 99 34.24 -17.71 5.62
CA TYR A 99 33.10 -18.61 5.74
C TYR A 99 33.27 -19.65 6.84
N ALA A 100 34.45 -19.66 7.48
CA ALA A 100 34.75 -20.63 8.53
C ALA A 100 34.07 -20.25 9.84
N GLY A 101 33.75 -21.27 10.65
CA GLY A 101 33.10 -21.06 11.93
C GLY A 101 31.59 -21.14 11.85
N VAL A 102 31.09 -21.52 10.68
CA VAL A 102 29.65 -21.61 10.45
C VAL A 102 29.30 -22.72 9.48
N ASP A 103 28.14 -23.33 9.68
CA ASP A 103 27.56 -24.24 8.69
C ASP A 103 26.03 -24.20 8.73
N GLY A 104 25.40 -24.99 7.87
CA GLY A 104 23.94 -24.98 7.76
C GLY A 104 23.44 -23.60 7.38
N TYR A 105 24.10 -22.99 6.39
CA TYR A 105 23.76 -21.62 5.99
C TYR A 105 23.18 -21.51 4.58
N THR A 106 22.69 -22.63 4.04
CA THR A 106 21.92 -22.57 2.81
C THR A 106 20.47 -22.35 3.18
N ILE A 107 19.63 -22.05 2.19
CA ILE A 107 18.23 -21.77 2.44
C ILE A 107 17.51 -22.96 3.09
N LYS A 108 17.47 -24.08 2.38
CA LYS A 108 16.83 -25.30 2.90
C LYS A 108 17.27 -25.61 4.33
N GLU A 109 18.52 -25.32 4.65
CA GLU A 109 19.06 -25.56 5.98
C GLU A 109 18.52 -24.58 7.02
N VAL A 110 18.64 -23.29 6.74
CA VAL A 110 18.07 -22.27 7.60
C VAL A 110 16.62 -22.61 7.89
N ALA A 111 15.84 -22.75 6.81
CA ALA A 111 14.42 -23.06 6.89
C ALA A 111 14.13 -24.25 7.80
N VAL A 112 15.07 -25.19 7.85
CA VAL A 112 14.96 -26.32 8.77
C VAL A 112 15.15 -25.85 10.21
N LYS A 113 16.32 -25.27 10.48
CA LYS A 113 16.68 -24.82 11.82
C LYS A 113 15.63 -23.90 12.43
N VAL A 114 15.02 -23.09 11.59
CA VAL A 114 13.96 -22.17 12.02
C VAL A 114 12.72 -22.95 12.46
N LYS A 115 12.41 -24.03 11.74
CA LYS A 115 11.29 -24.89 12.10
C LYS A 115 11.59 -25.65 13.39
N GLN A 116 12.84 -26.07 13.54
CA GLN A 116 13.27 -26.70 14.79
C GLN A 116 13.21 -25.72 15.95
N ASP A 117 13.77 -24.53 15.74
CA ASP A 117 13.96 -23.56 16.83
C ASP A 117 12.71 -22.75 17.20
N LEU A 118 11.94 -22.34 16.20
CA LEU A 118 10.84 -21.41 16.43
C LEU A 118 9.47 -21.98 16.04
N GLY A 119 9.47 -22.95 15.15
CA GLY A 119 8.22 -23.51 14.63
C GLY A 119 7.70 -22.66 13.49
N ASN A 120 6.50 -22.97 13.00
CA ASN A 120 5.90 -22.23 11.91
C ASN A 120 6.04 -20.72 12.08
N ILE A 121 6.31 -20.03 10.97
CA ILE A 121 6.36 -18.58 10.96
C ILE A 121 5.11 -18.05 10.29
N ASP A 122 4.85 -16.76 10.47
CA ASP A 122 3.71 -16.11 9.81
C ASP A 122 4.21 -15.06 8.83
N ILE A 123 5.40 -14.52 9.09
CA ILE A 123 5.92 -13.40 8.31
C ILE A 123 7.32 -13.66 7.74
N LEU A 124 7.56 -13.21 6.51
CA LEU A 124 8.83 -13.45 5.83
C LEU A 124 9.25 -12.24 5.00
N VAL A 125 10.48 -11.77 5.24
CA VAL A 125 10.98 -10.58 4.58
C VAL A 125 12.21 -10.86 3.73
N HIS A 126 12.13 -10.51 2.45
CA HIS A 126 13.26 -10.66 1.54
C HIS A 126 13.91 -9.30 1.28
N SER A 127 14.92 -8.97 2.08
CA SER A 127 15.60 -7.70 1.97
C SER A 127 17.07 -7.92 1.64
N LEU A 128 17.35 -8.28 0.41
CA LEU A 128 18.71 -8.53 -0.03
C LEU A 128 18.82 -8.52 -1.55
N ALA A 129 20.04 -8.30 -2.04
CA ALA A 129 20.32 -8.25 -3.47
C ALA A 129 21.82 -8.16 -3.67
N ASN A 130 22.31 -8.58 -4.83
CA ASN A 130 23.74 -8.61 -5.10
C ASN A 130 24.06 -8.76 -6.57
N GLY A 131 24.62 -7.71 -7.16
CA GLY A 131 25.02 -7.72 -8.57
C GLY A 131 26.41 -7.15 -8.75
N PRO A 132 27.40 -8.05 -8.92
CA PRO A 132 28.82 -7.73 -9.03
C PRO A 132 29.18 -6.68 -10.09
N GLU A 133 28.31 -6.53 -11.09
CA GLU A 133 28.62 -5.62 -12.20
C GLU A 133 27.62 -4.46 -12.30
N VAL A 134 27.08 -4.08 -11.15
CA VAL A 134 26.06 -3.04 -11.06
C VAL A 134 26.57 -1.66 -11.47
N THR A 135 27.89 -1.47 -11.45
CA THR A 135 28.49 -0.22 -11.90
C THR A 135 28.69 -0.27 -13.41
N LYS A 136 28.22 -1.35 -14.02
CA LYS A 136 28.38 -1.56 -15.46
C LYS A 136 27.06 -1.41 -16.20
N PRO A 137 27.08 -0.70 -17.33
CA PRO A 137 25.88 -0.63 -18.15
C PRO A 137 25.56 -2.00 -18.72
N LEU A 138 24.32 -2.18 -19.16
CA LEU A 138 23.89 -3.45 -19.73
C LEU A 138 24.72 -3.84 -20.96
N LEU A 139 25.12 -2.85 -21.75
CA LEU A 139 25.91 -3.10 -22.96
C LEU A 139 27.35 -3.47 -22.63
N GLU A 140 27.68 -3.48 -21.35
CA GLU A 140 29.03 -3.83 -20.91
C GLU A 140 28.96 -4.86 -19.79
N THR A 141 27.75 -5.38 -19.56
CA THR A 141 27.53 -6.39 -18.52
C THR A 141 27.80 -7.79 -19.06
N SER A 142 28.53 -8.58 -18.28
CA SER A 142 28.83 -9.96 -18.66
C SER A 142 27.61 -10.82 -18.41
N ARG A 143 27.58 -12.00 -19.06
CA ARG A 143 26.52 -12.96 -18.82
C ARG A 143 26.64 -13.50 -17.40
N LYS A 144 27.83 -13.97 -17.03
CA LYS A 144 28.07 -14.51 -15.70
C LYS A 144 27.62 -13.54 -14.61
N GLY A 145 27.98 -12.26 -14.75
CA GLY A 145 27.64 -11.26 -13.75
C GLY A 145 26.15 -10.94 -13.73
N TYR A 146 25.55 -10.96 -14.91
CA TYR A 146 24.12 -10.71 -15.07
C TYR A 146 23.35 -11.83 -14.37
N LEU A 147 23.66 -13.07 -14.71
CA LEU A 147 22.99 -14.22 -14.13
C LEU A 147 23.15 -14.25 -12.61
N ALA A 148 24.31 -13.80 -12.13
CA ALA A 148 24.57 -13.70 -10.70
C ALA A 148 23.61 -12.71 -10.04
N ALA A 149 23.52 -11.51 -10.61
CA ALA A 149 22.58 -10.53 -10.10
C ALA A 149 21.23 -11.21 -9.88
N SER A 150 20.76 -11.89 -10.92
CA SER A 150 19.46 -12.53 -10.91
C SER A 150 19.39 -13.70 -9.92
N SER A 151 20.48 -14.44 -9.81
CA SER A 151 20.56 -15.57 -8.87
C SER A 151 20.50 -15.08 -7.43
N ASN A 152 20.97 -13.86 -7.21
CA ASN A 152 21.08 -13.31 -5.87
C ASN A 152 19.88 -12.46 -5.45
N SER A 153 19.37 -11.65 -6.36
CA SER A 153 18.35 -10.66 -6.03
C SER A 153 16.92 -11.13 -6.34
N ALA A 154 16.80 -11.99 -7.35
CA ALA A 154 15.49 -12.46 -7.79
C ALA A 154 15.19 -13.89 -7.34
N TYR A 155 15.91 -14.87 -7.88
CA TYR A 155 15.61 -16.26 -7.57
C TYR A 155 15.60 -16.52 -6.07
N SER A 156 16.58 -15.94 -5.37
CA SER A 156 16.65 -16.08 -3.92
C SER A 156 15.27 -15.95 -3.28
N PHE A 157 14.46 -15.04 -3.82
CA PHE A 157 13.11 -14.83 -3.32
C PHE A 157 12.27 -16.07 -3.54
N VAL A 158 12.38 -16.65 -4.73
CA VAL A 158 11.64 -17.86 -5.03
C VAL A 158 12.04 -18.95 -4.04
N SER A 159 13.29 -19.39 -4.11
CA SER A 159 13.79 -20.40 -3.19
C SER A 159 13.43 -20.10 -1.75
N LEU A 160 13.35 -18.82 -1.41
CA LEU A 160 13.04 -18.43 -0.04
C LEU A 160 11.57 -18.72 0.29
N LEU A 161 10.71 -18.60 -0.71
CA LEU A 161 9.32 -18.97 -0.56
C LEU A 161 9.14 -20.49 -0.56
N GLN A 162 9.82 -21.16 -1.48
CA GLN A 162 9.73 -22.62 -1.58
C GLN A 162 9.99 -23.29 -0.24
N HIS A 163 11.07 -22.88 0.42
CA HIS A 163 11.56 -23.55 1.61
C HIS A 163 10.92 -23.05 2.90
N PHE A 164 10.48 -21.80 2.90
CA PHE A 164 9.81 -21.24 4.07
C PHE A 164 8.30 -21.35 3.92
N GLY A 165 7.86 -21.76 2.74
CA GLY A 165 6.44 -21.88 2.45
C GLY A 165 5.72 -22.85 3.34
N PRO A 166 6.12 -24.14 3.29
CA PRO A 166 5.46 -25.20 4.03
C PRO A 166 5.36 -24.92 5.52
N ILE A 167 6.29 -24.13 6.05
CA ILE A 167 6.29 -23.82 7.48
C ILE A 167 5.61 -22.49 7.80
N MET A 168 4.91 -21.93 6.82
CA MET A 168 4.19 -20.68 7.01
C MET A 168 2.71 -20.94 7.30
N ASN A 169 2.15 -20.18 8.24
CA ASN A 169 0.73 -20.33 8.58
C ASN A 169 -0.18 -19.74 7.53
N GLU A 170 -1.37 -20.33 7.36
CA GLU A 170 -2.36 -19.76 6.45
C GLU A 170 -2.58 -18.30 6.85
N GLY A 171 -2.60 -17.42 5.85
CA GLY A 171 -2.73 -15.99 6.10
C GLY A 171 -1.39 -15.30 6.24
N GLY A 172 -0.31 -16.09 6.20
CA GLY A 172 1.04 -15.55 6.28
C GLY A 172 1.31 -14.54 5.18
N SER A 173 2.41 -13.82 5.31
CA SER A 173 2.78 -12.82 4.32
C SER A 173 4.26 -12.86 4.00
N ALA A 174 4.59 -12.47 2.77
CA ALA A 174 5.97 -12.26 2.38
C ALA A 174 6.05 -11.02 1.52
N VAL A 175 7.16 -10.31 1.62
CA VAL A 175 7.34 -9.10 0.85
C VAL A 175 8.80 -8.96 0.43
N THR A 176 9.02 -8.62 -0.83
CA THR A 176 10.35 -8.34 -1.32
C THR A 176 10.50 -6.86 -1.55
N LEU A 177 11.70 -6.45 -1.98
CA LEU A 177 12.00 -5.05 -2.19
C LEU A 177 12.49 -4.81 -3.60
N SER A 178 12.09 -3.70 -4.19
CA SER A 178 12.46 -3.41 -5.57
C SER A 178 12.83 -1.95 -5.75
N TYR A 179 13.38 -1.64 -6.92
CA TYR A 179 13.67 -0.26 -7.29
C TYR A 179 13.02 0.08 -8.63
N LEU A 180 12.65 1.35 -8.77
CA LEU A 180 11.97 1.85 -9.97
C LEU A 180 12.66 1.44 -11.28
N ALA A 181 13.95 1.14 -11.20
CA ALA A 181 14.73 0.79 -12.38
C ALA A 181 14.12 -0.40 -13.14
N ALA A 182 13.28 -1.16 -12.44
CA ALA A 182 12.66 -2.33 -13.04
C ALA A 182 11.75 -1.93 -14.18
N GLU A 183 10.97 -0.86 -13.99
CA GLU A 183 9.93 -0.48 -14.94
C GLU A 183 10.30 0.68 -15.86
N ARG A 184 11.28 1.48 -15.44
CA ARG A 184 11.81 2.54 -16.30
C ARG A 184 13.32 2.65 -16.10
N VAL A 185 14.01 3.00 -17.17
CA VAL A 185 15.46 3.12 -17.15
C VAL A 185 15.92 4.10 -16.10
N VAL A 186 16.77 3.64 -15.19
CA VAL A 186 17.52 4.53 -14.32
C VAL A 186 19.00 4.27 -14.57
N PRO A 187 19.64 5.19 -15.32
CA PRO A 187 21.04 5.05 -15.73
C PRO A 187 21.95 4.88 -14.52
N GLY A 188 22.98 4.05 -14.66
CA GLY A 188 23.92 3.83 -13.57
C GLY A 188 23.59 2.62 -12.71
N TYR A 189 22.30 2.28 -12.67
CA TYR A 189 21.85 1.08 -11.98
C TYR A 189 21.97 -0.08 -12.96
N GLY A 190 23.18 -0.59 -13.12
CA GLY A 190 23.46 -1.57 -14.17
C GLY A 190 23.81 -2.96 -13.68
N GLY A 191 24.57 -3.68 -14.50
CA GLY A 191 24.98 -5.05 -14.17
C GLY A 191 23.84 -6.04 -14.19
N GLY A 192 22.72 -5.65 -14.77
CA GLY A 192 21.55 -6.52 -14.88
C GLY A 192 20.59 -6.42 -13.70
N MET A 193 20.92 -5.57 -12.73
CA MET A 193 20.05 -5.40 -11.57
C MET A 193 18.65 -4.94 -11.97
N SER A 194 18.59 -4.00 -12.92
CA SER A 194 17.29 -3.53 -13.40
C SER A 194 16.44 -4.68 -13.92
N SER A 195 17.06 -5.54 -14.72
CA SER A 195 16.43 -6.77 -15.16
C SER A 195 16.02 -7.59 -13.95
N ALA A 196 16.99 -7.87 -13.08
CA ALA A 196 16.78 -8.72 -11.91
C ALA A 196 15.58 -8.31 -11.06
N LYS A 197 15.44 -7.01 -10.83
CA LYS A 197 14.31 -6.49 -10.06
C LYS A 197 12.99 -6.67 -10.82
N ALA A 198 13.05 -6.65 -12.14
CA ALA A 198 11.86 -6.81 -12.95
C ALA A 198 11.37 -8.24 -12.82
N ALA A 199 12.30 -9.19 -12.96
CA ALA A 199 11.99 -10.59 -12.74
C ALA A 199 11.36 -10.74 -11.36
N LEU A 200 11.91 -10.01 -10.39
CA LEU A 200 11.45 -10.07 -9.01
C LEU A 200 10.00 -9.61 -8.86
N GLU A 201 9.67 -8.47 -9.45
CA GLU A 201 8.31 -7.93 -9.36
C GLU A 201 7.30 -8.86 -10.03
N SER A 202 7.77 -9.57 -11.06
CA SER A 202 6.91 -10.48 -11.81
C SER A 202 6.73 -11.78 -11.06
N ASP A 203 7.81 -12.25 -10.44
CA ASP A 203 7.74 -13.45 -9.62
C ASP A 203 6.94 -13.15 -8.35
N THR A 204 6.66 -11.87 -8.14
CA THR A 204 5.88 -11.46 -6.98
C THR A 204 4.40 -11.51 -7.36
N ARG A 205 4.13 -11.37 -8.65
CA ARG A 205 2.78 -11.51 -9.16
C ARG A 205 2.45 -12.98 -9.33
N THR A 206 3.42 -13.74 -9.84
CA THR A 206 3.27 -15.16 -10.04
C THR A 206 3.14 -15.90 -8.71
N LEU A 207 4.14 -15.72 -7.84
CA LEU A 207 4.14 -16.40 -6.54
C LEU A 207 2.91 -16.04 -5.70
N ALA A 208 2.51 -14.78 -5.76
CA ALA A 208 1.30 -14.34 -5.08
C ALA A 208 0.14 -15.27 -5.46
N TRP A 209 0.09 -15.66 -6.73
CA TRP A 209 -0.92 -16.60 -7.22
C TRP A 209 -0.69 -17.99 -6.68
N GLU A 210 0.49 -18.54 -6.90
CA GLU A 210 0.81 -19.90 -6.47
C GLU A 210 0.79 -20.06 -4.95
N ALA A 211 1.60 -19.27 -4.26
CA ALA A 211 1.62 -19.31 -2.80
C ALA A 211 0.25 -18.95 -2.25
N GLY A 212 -0.44 -18.04 -2.93
CA GLY A 212 -1.77 -17.60 -2.51
C GLY A 212 -2.82 -18.68 -2.57
N GLN A 213 -2.56 -19.70 -3.39
CA GLN A 213 -3.49 -20.82 -3.55
C GLN A 213 -3.09 -22.00 -2.68
N LYS A 214 -1.87 -22.48 -2.87
CA LYS A 214 -1.38 -23.62 -2.10
C LYS A 214 -1.42 -23.37 -0.60
N TYR A 215 -0.91 -22.21 -0.18
CA TYR A 215 -0.72 -21.93 1.25
C TYR A 215 -1.69 -20.90 1.83
N GLY A 216 -2.30 -20.09 0.95
CA GLY A 216 -3.13 -18.99 1.40
C GLY A 216 -2.29 -17.86 1.93
N VAL A 217 -1.03 -17.80 1.48
CA VAL A 217 -0.11 -16.76 1.90
C VAL A 217 -0.08 -15.63 0.87
N ARG A 218 0.07 -14.40 1.35
CA ARG A 218 0.14 -13.25 0.47
C ARG A 218 1.59 -12.86 0.19
N VAL A 219 1.82 -12.33 -0.99
CA VAL A 219 3.16 -11.96 -1.43
C VAL A 219 3.12 -10.57 -2.06
N ASN A 220 4.04 -9.70 -1.65
CA ASN A 220 4.00 -8.31 -2.08
C ASN A 220 5.37 -7.66 -2.26
N ALA A 221 5.40 -6.62 -3.08
CA ALA A 221 6.65 -5.91 -3.35
C ALA A 221 6.53 -4.44 -2.95
N ILE A 222 7.56 -3.94 -2.30
CA ILE A 222 7.64 -2.53 -1.97
C ILE A 222 8.72 -1.88 -2.83
N SER A 223 8.30 -1.19 -3.87
CA SER A 223 9.26 -0.45 -4.69
C SER A 223 9.64 0.83 -3.96
N ALA A 224 10.88 0.88 -3.48
CA ALA A 224 11.31 1.97 -2.62
C ALA A 224 12.19 2.98 -3.35
N GLY A 225 12.30 4.17 -2.78
CA GLY A 225 13.22 5.18 -3.27
C GLY A 225 14.61 4.95 -2.70
N PRO A 226 15.55 5.85 -3.02
CA PRO A 226 16.97 5.76 -2.63
C PRO A 226 17.22 5.99 -1.16
N LEU A 227 18.10 5.17 -0.59
CA LEU A 227 18.47 5.27 0.82
C LEU A 227 19.96 4.98 1.01
N LYS A 228 20.65 5.85 1.74
CA LYS A 228 22.06 5.65 2.00
C LYS A 228 22.26 4.50 2.97
N SER A 229 22.53 3.33 2.42
CA SER A 229 22.80 2.15 3.21
C SER A 229 24.18 1.65 2.82
N ARG A 230 24.77 0.79 3.63
CA ARG A 230 26.07 0.23 3.29
C ARG A 230 26.06 -0.21 1.83
N ALA A 231 25.05 -1.01 1.46
CA ALA A 231 24.96 -1.57 0.12
C ALA A 231 24.90 -0.53 -0.98
N ALA A 232 24.28 0.61 -0.71
CA ALA A 232 24.18 1.68 -1.68
C ALA A 232 25.51 2.40 -1.86
N SER A 233 26.12 2.80 -0.73
CA SER A 233 27.37 3.52 -0.73
C SER A 233 28.47 2.73 -1.43
N ALA A 234 28.24 1.43 -1.61
CA ALA A 234 29.18 0.56 -2.29
C ALA A 234 29.04 0.67 -3.81
N ILE A 235 27.89 1.15 -4.26
CA ILE A 235 27.69 1.41 -5.69
C ILE A 235 28.67 2.49 -6.14
N GLY A 236 29.59 2.10 -7.02
CA GLY A 236 30.59 3.03 -7.54
C GLY A 236 31.67 3.36 -6.53
N GLU A 240 34.42 10.37 -3.65
CA GLU A 240 33.87 11.61 -4.22
C GLU A 240 32.42 11.84 -3.77
N LYS A 241 31.55 12.05 -4.74
CA LYS A 241 30.12 12.20 -4.48
C LYS A 241 29.41 10.90 -4.87
N SER A 242 28.80 10.24 -3.89
CA SER A 242 28.19 8.92 -4.10
C SER A 242 27.14 8.90 -5.21
N PHE A 243 27.14 7.83 -6.02
CA PHE A 243 26.10 7.64 -7.00
C PHE A 243 24.74 7.62 -6.32
N ILE A 244 24.71 7.08 -5.10
CA ILE A 244 23.49 7.05 -4.30
C ILE A 244 23.07 8.46 -3.89
N ASP A 245 24.05 9.31 -3.59
CA ASP A 245 23.78 10.67 -3.17
C ASP A 245 23.06 11.48 -4.24
N TYR A 246 23.55 11.39 -5.48
CA TYR A 246 22.91 12.09 -6.58
C TYR A 246 21.45 11.68 -6.72
N ALA A 247 21.17 10.39 -6.53
CA ALA A 247 19.81 9.87 -6.57
C ALA A 247 18.96 10.51 -5.47
N ILE A 248 19.41 10.38 -4.22
CA ILE A 248 18.72 11.02 -3.10
C ILE A 248 18.45 12.49 -3.42
N ASP A 249 19.46 13.19 -3.94
CA ASP A 249 19.31 14.59 -4.34
C ASP A 249 18.22 14.76 -5.38
N TYR A 250 18.33 14.02 -6.48
CA TYR A 250 17.31 14.06 -7.53
C TYR A 250 15.93 13.97 -6.90
N SER A 251 15.70 12.91 -6.15
CA SER A 251 14.39 12.68 -5.54
C SER A 251 13.94 13.87 -4.72
N TYR A 252 14.82 14.36 -3.84
CA TYR A 252 14.47 15.48 -2.99
C TYR A 252 13.99 16.69 -3.80
N ASN A 253 14.49 16.82 -5.03
CA ASN A 253 14.15 17.96 -5.86
C ASN A 253 13.01 17.69 -6.85
N ASN A 254 12.67 16.42 -7.04
CA ASN A 254 11.73 16.08 -8.10
C ASN A 254 10.49 15.30 -7.66
N ALA A 255 10.53 14.73 -6.45
CA ALA A 255 9.40 13.99 -5.92
C ALA A 255 8.34 14.93 -5.35
N PRO A 256 7.05 14.60 -5.55
CA PRO A 256 5.94 15.38 -5.00
C PRO A 256 6.17 15.84 -3.57
N LEU A 257 6.38 14.88 -2.66
CA LEU A 257 6.65 15.20 -1.27
C LEU A 257 8.11 15.55 -1.09
N ARG A 258 8.40 16.83 -0.88
CA ARG A 258 9.77 17.31 -0.71
C ARG A 258 10.22 17.07 0.73
N ARG A 259 10.78 15.89 0.98
CA ARG A 259 11.21 15.50 2.32
C ARG A 259 12.27 14.40 2.27
N ASP A 260 12.95 14.20 3.40
CA ASP A 260 13.91 13.12 3.50
C ASP A 260 13.21 11.78 3.51
N LEU A 261 13.84 10.77 2.91
CA LEU A 261 13.36 9.40 3.02
C LEU A 261 14.17 8.67 4.08
N HIS A 262 13.64 8.60 5.30
CA HIS A 262 14.24 7.78 6.34
C HIS A 262 13.75 6.35 6.18
N SER A 263 14.63 5.39 6.45
CA SER A 263 14.30 3.97 6.27
C SER A 263 12.99 3.58 6.95
N ASP A 264 12.74 4.12 8.14
CA ASP A 264 11.50 3.84 8.85
C ASP A 264 10.27 3.93 7.95
N ASP A 265 10.31 4.85 6.98
CA ASP A 265 9.19 5.01 6.06
C ASP A 265 8.83 3.66 5.46
N VAL A 266 9.75 3.09 4.70
CA VAL A 266 9.56 1.76 4.14
C VAL A 266 9.35 0.74 5.27
N GLY A 267 10.02 0.97 6.39
CA GLY A 267 9.83 0.14 7.57
C GLY A 267 8.35 -0.01 7.90
N GLY A 268 7.68 1.12 8.09
CA GLY A 268 6.25 1.13 8.36
C GLY A 268 5.42 0.64 7.18
N ALA A 269 5.89 0.92 5.97
CA ALA A 269 5.17 0.49 4.77
C ALA A 269 5.10 -1.03 4.71
N ALA A 270 6.23 -1.67 5.01
CA ALA A 270 6.27 -3.13 5.04
C ALA A 270 5.36 -3.66 6.14
N LEU A 271 5.49 -3.10 7.34
CA LEU A 271 4.70 -3.54 8.47
C LEU A 271 3.24 -3.69 8.08
N PHE A 272 2.72 -2.73 7.32
CA PHE A 272 1.36 -2.80 6.85
C PHE A 272 1.14 -4.07 6.06
N LEU A 273 1.95 -4.24 5.02
CA LEU A 273 1.76 -5.31 4.05
C LEU A 273 1.83 -6.70 4.67
N LEU A 274 2.55 -6.79 5.79
CA LEU A 274 2.77 -8.07 6.45
C LEU A 274 1.80 -8.29 7.61
N SER A 275 0.81 -7.40 7.72
CA SER A 275 -0.11 -7.42 8.86
C SER A 275 -1.54 -7.78 8.45
N PRO A 276 -2.36 -8.19 9.43
CA PRO A 276 -3.76 -8.53 9.19
C PRO A 276 -4.51 -7.44 8.42
N LEU A 277 -4.08 -6.19 8.58
CA LEU A 277 -4.72 -5.08 7.89
C LEU A 277 -4.68 -5.32 6.39
N ALA A 278 -3.59 -5.90 5.91
CA ALA A 278 -3.36 -6.08 4.49
C ALA A 278 -3.87 -7.42 3.96
N ARG A 279 -4.84 -8.02 4.67
CA ARG A 279 -5.23 -9.40 4.38
C ARG A 279 -6.01 -9.59 3.08
N ALA A 280 -6.14 -8.52 2.30
CA ALA A 280 -6.79 -8.59 1.00
C ALA A 280 -5.88 -7.98 -0.06
N VAL A 281 -4.66 -7.66 0.36
CA VAL A 281 -3.68 -7.08 -0.54
C VAL A 281 -2.61 -8.13 -0.87
N SER A 282 -2.49 -8.45 -2.15
CA SER A 282 -1.48 -9.40 -2.61
C SER A 282 -1.09 -9.13 -4.05
N GLY A 283 0.18 -9.37 -4.36
CA GLY A 283 0.70 -9.26 -5.72
C GLY A 283 1.00 -7.85 -6.17
N VAL A 284 1.03 -6.90 -5.24
CA VAL A 284 1.16 -5.50 -5.60
C VAL A 284 2.60 -4.98 -5.51
N THR A 285 2.87 -3.92 -6.26
CA THR A 285 4.10 -3.16 -6.11
C THR A 285 3.76 -1.81 -5.52
N LEU A 286 4.23 -1.58 -4.30
CA LEU A 286 3.94 -0.36 -3.58
C LEU A 286 5.11 0.61 -3.68
N TYR A 287 4.87 1.79 -4.24
CA TYR A 287 5.92 2.81 -4.35
C TYR A 287 6.04 3.65 -3.10
N VAL A 288 7.03 3.31 -2.28
CA VAL A 288 7.38 4.11 -1.11
C VAL A 288 8.57 4.98 -1.49
N ASP A 289 8.28 6.06 -2.19
CA ASP A 289 9.31 6.83 -2.87
C ASP A 289 9.07 8.34 -2.81
N ASN A 290 8.20 8.76 -1.90
CA ASN A 290 7.79 10.16 -1.84
C ASN A 290 7.06 10.59 -3.11
N GLY A 291 6.48 9.60 -3.80
CA GLY A 291 5.63 9.86 -4.95
C GLY A 291 6.37 10.01 -6.27
N LEU A 292 7.68 9.80 -6.25
CA LEU A 292 8.49 10.03 -7.45
C LEU A 292 8.05 9.17 -8.64
N HIS A 293 7.51 8.00 -8.34
CA HIS A 293 7.04 7.11 -9.40
C HIS A 293 6.04 7.83 -10.29
N ALA A 294 5.31 8.76 -9.71
CA ALA A 294 4.19 9.41 -10.40
C ALA A 294 4.60 10.42 -11.48
N MET A 295 5.80 10.98 -11.37
CA MET A 295 6.21 12.10 -12.22
C MET A 295 6.57 11.70 -13.65
N GLY A 296 6.21 12.57 -14.60
CA GLY A 296 6.63 12.41 -15.99
C GLY A 296 7.82 13.29 -16.36
N GLN A 297 8.11 14.27 -15.52
CA GLN A 297 9.23 15.17 -15.77
C GLN A 297 10.01 15.52 -14.52
N ALA A 298 11.33 15.45 -14.62
CA ALA A 298 12.18 16.08 -13.63
C ALA A 298 11.86 17.57 -13.71
N VAL A 299 11.63 18.20 -12.56
CA VAL A 299 11.22 19.59 -12.56
C VAL A 299 12.40 20.56 -12.55
N ASP A 300 13.57 20.05 -12.18
CA ASP A 300 14.78 20.88 -12.14
C ASP A 300 15.69 20.60 -13.33
N SER A 301 15.10 20.23 -14.47
CA SER A 301 15.84 20.02 -15.70
C SER A 301 16.62 21.28 -16.11
N ARG A 302 17.75 21.08 -16.78
CA ARG A 302 18.53 22.19 -17.32
C ARG A 302 17.86 22.74 -18.58
N SER A 303 16.81 22.06 -19.03
CA SER A 303 16.03 22.49 -20.17
C SER A 303 14.96 23.49 -19.71
N MET A 304 14.69 23.50 -18.41
CA MET A 304 13.62 24.32 -17.84
C MET A 304 14.16 25.48 -17.02
N PRO A 305 13.36 26.55 -16.86
CA PRO A 305 13.79 27.74 -16.14
C PRO A 305 13.83 27.52 -14.62
N PRO A 306 14.87 28.06 -13.96
CA PRO A 306 15.03 27.96 -12.50
C PRO A 306 14.03 28.86 -11.78
N PRO B 4 1.75 1.67 16.96
CA PRO B 4 1.38 1.35 15.57
C PRO B 4 0.72 2.54 14.86
N ILE B 5 -0.58 2.72 15.08
CA ILE B 5 -1.33 3.77 14.38
C ILE B 5 -2.31 4.52 15.26
N ASP B 6 -1.82 5.33 16.20
CA ASP B 6 -2.73 6.18 16.95
C ASP B 6 -2.86 7.58 16.32
N LEU B 7 -3.97 7.78 15.60
CA LEU B 7 -4.28 9.05 14.96
C LEU B 7 -4.98 9.99 15.93
N ARG B 8 -4.74 9.79 17.23
CA ARG B 8 -5.35 10.65 18.23
C ARG B 8 -4.91 12.09 18.04
N GLY B 9 -5.86 13.01 18.14
CA GLY B 9 -5.58 14.42 17.97
C GLY B 9 -5.56 14.84 16.51
N GLN B 10 -6.06 13.96 15.65
CA GLN B 10 -6.21 14.29 14.23
C GLN B 10 -7.67 14.33 13.85
N THR B 11 -8.04 15.28 13.00
CA THR B 11 -9.41 15.37 12.51
C THR B 11 -9.51 14.84 11.09
N ALA B 12 -10.58 14.10 10.82
CA ALA B 12 -10.76 13.47 9.52
C ALA B 12 -12.15 13.73 8.96
N PHE B 13 -12.22 13.89 7.64
CA PHE B 13 -13.52 14.07 6.98
C PHE B 13 -13.77 12.98 5.93
N VAL B 14 -14.88 12.27 6.10
CA VAL B 14 -15.24 11.18 5.18
C VAL B 14 -16.46 11.54 4.35
N ALA B 15 -16.27 11.65 3.04
CA ALA B 15 -17.35 12.01 2.13
C ALA B 15 -17.86 10.79 1.39
N GLY B 16 -19.16 10.51 1.53
CA GLY B 16 -19.81 9.43 0.79
C GLY B 16 -20.34 8.31 1.67
N VAL B 17 -20.92 8.67 2.81
CA VAL B 17 -21.39 7.68 3.78
C VAL B 17 -22.85 7.90 4.13
N ALA B 18 -23.71 6.94 3.80
CA ALA B 18 -25.13 7.07 4.03
C ALA B 18 -25.75 5.80 4.62
N ASP B 19 -24.90 4.80 4.83
CA ASP B 19 -25.33 3.50 5.33
C ASP B 19 -24.16 2.74 5.94
N SER B 20 -24.42 1.52 6.38
CA SER B 20 -23.39 0.71 7.03
C SER B 20 -22.80 -0.34 6.09
N HIS B 21 -23.00 -0.15 4.80
CA HIS B 21 -22.59 -1.17 3.83
C HIS B 21 -21.53 -0.71 2.84
N GLY B 22 -21.52 0.57 2.51
CA GLY B 22 -20.54 1.11 1.58
C GLY B 22 -19.13 1.02 2.11
N TYR B 23 -18.15 1.20 1.23
CA TYR B 23 -16.76 1.28 1.67
C TYR B 23 -16.59 2.50 2.57
N GLY B 24 -17.37 3.53 2.29
CA GLY B 24 -17.35 4.74 3.09
C GLY B 24 -17.34 4.41 4.57
N TRP B 25 -18.41 3.75 5.02
CA TRP B 25 -18.53 3.32 6.41
C TRP B 25 -17.22 2.72 6.91
N ALA B 26 -16.83 1.60 6.29
CA ALA B 26 -15.64 0.87 6.70
C ALA B 26 -14.47 1.77 7.05
N ILE B 27 -14.12 2.65 6.12
CA ILE B 27 -13.03 3.60 6.32
C ILE B 27 -13.23 4.40 7.60
N ALA B 28 -14.38 5.09 7.69
CA ALA B 28 -14.72 5.86 8.88
C ALA B 28 -14.61 5.02 10.14
N LYS B 29 -14.89 3.73 10.01
CA LYS B 29 -14.92 2.84 11.17
C LYS B 29 -13.51 2.53 11.67
N HIS B 30 -12.59 2.28 10.75
CA HIS B 30 -11.20 1.99 11.11
C HIS B 30 -10.48 3.24 11.58
N LEU B 31 -10.84 4.38 11.01
CA LEU B 31 -10.26 5.64 11.41
C LEU B 31 -10.60 5.97 12.86
N ALA B 32 -11.87 5.82 13.20
CA ALA B 32 -12.30 6.03 14.58
C ALA B 32 -11.56 5.09 15.51
N SER B 33 -11.41 3.83 15.10
CA SER B 33 -10.83 2.80 15.95
C SER B 33 -9.37 3.09 16.29
N ALA B 34 -8.76 3.99 15.52
CA ALA B 34 -7.35 4.34 15.71
C ALA B 34 -7.21 5.60 16.57
N GLY B 35 -8.34 6.22 16.92
CA GLY B 35 -8.34 7.35 17.84
C GLY B 35 -8.71 8.68 17.22
N ALA B 36 -8.90 8.69 15.90
CA ALA B 36 -9.18 9.92 15.17
C ALA B 36 -10.59 10.44 15.39
N ARG B 37 -10.75 11.76 15.28
CA ARG B 37 -12.07 12.37 15.19
C ARG B 37 -12.56 12.19 13.76
N VAL B 38 -13.83 11.82 13.61
CA VAL B 38 -14.35 11.42 12.31
C VAL B 38 -15.67 12.09 11.96
N ALA B 39 -15.67 12.89 10.91
CA ALA B 39 -16.88 13.55 10.43
C ALA B 39 -17.33 12.91 9.11
N LEU B 40 -18.55 13.25 8.67
CA LEU B 40 -19.09 12.66 7.45
C LEU B 40 -19.79 13.67 6.55
N GLY B 41 -19.68 13.46 5.24
CA GLY B 41 -20.49 14.19 4.27
C GLY B 41 -21.50 13.22 3.66
N THR B 42 -22.77 13.55 3.78
CA THR B 42 -23.84 12.64 3.35
C THR B 42 -24.80 13.29 2.35
N TRP B 43 -25.17 12.53 1.33
CA TRP B 43 -26.05 13.03 0.27
C TRP B 43 -27.38 13.49 0.86
N PRO B 44 -27.68 14.80 0.73
CA PRO B 44 -28.85 15.38 1.36
C PRO B 44 -30.07 14.46 1.36
N PRO B 45 -30.57 14.07 0.18
CA PRO B 45 -31.83 13.34 0.11
C PRO B 45 -31.90 12.20 1.13
N VAL B 46 -30.80 11.46 1.28
CA VAL B 46 -30.76 10.32 2.18
C VAL B 46 -30.18 10.64 3.56
N LEU B 47 -30.06 11.93 3.86
CA LEU B 47 -29.51 12.34 5.16
C LEU B 47 -30.46 12.03 6.32
N GLY B 48 -31.67 12.58 6.24
CA GLY B 48 -32.65 12.37 7.29
C GLY B 48 -32.72 10.93 7.74
N LEU B 49 -32.76 10.01 6.78
CA LEU B 49 -32.89 8.58 7.06
C LEU B 49 -31.67 8.04 7.77
N PHE B 50 -30.49 8.41 7.28
CA PHE B 50 -29.23 7.99 7.88
C PHE B 50 -29.21 8.39 9.35
N GLN B 51 -29.45 9.66 9.62
CA GLN B 51 -29.53 10.15 10.99
C GLN B 51 -30.54 9.34 11.80
N LYS B 52 -31.73 9.15 11.23
CA LYS B 52 -32.77 8.37 11.88
C LYS B 52 -32.21 6.99 12.24
N SER B 53 -31.57 6.35 11.28
CA SER B 53 -30.92 5.06 11.52
C SER B 53 -30.02 5.14 12.75
N LEU B 54 -29.16 6.16 12.79
CA LEU B 54 -28.22 6.34 13.89
C LEU B 54 -28.94 6.58 15.21
N GLN B 55 -29.72 7.65 15.28
CA GLN B 55 -30.44 8.00 16.49
C GLN B 55 -31.22 6.82 17.05
N SER B 56 -31.90 6.08 16.18
CA SER B 56 -32.75 4.96 16.59
C SER B 56 -32.01 3.92 17.43
N GLY B 57 -30.70 3.82 17.23
CA GLY B 57 -29.90 2.82 17.92
C GLY B 57 -29.99 1.47 17.24
N ARG B 58 -30.05 1.49 15.91
CA ARG B 58 -30.22 0.28 15.12
C ARG B 58 -28.99 -0.03 14.27
N LEU B 59 -28.15 0.98 14.07
CA LEU B 59 -26.85 0.77 13.44
C LEU B 59 -25.80 0.52 14.51
N ASP B 60 -26.26 0.24 15.73
CA ASP B 60 -25.36 0.11 16.88
C ASP B 60 -24.50 -1.14 16.85
N GLU B 61 -24.96 -2.19 16.19
CA GLU B 61 -24.12 -3.38 16.00
C GLU B 61 -22.96 -3.04 15.07
N ASP B 62 -23.22 -2.18 14.10
CA ASP B 62 -22.20 -1.74 13.15
C ASP B 62 -21.20 -0.76 13.77
N ARG B 63 -21.63 -0.03 14.79
CA ARG B 63 -20.79 1.00 15.38
C ARG B 63 -19.91 0.50 16.53
N LYS B 64 -19.87 -0.81 16.72
CA LYS B 64 -19.14 -1.38 17.85
C LYS B 64 -17.62 -1.42 17.67
N LEU B 65 -16.92 -0.82 18.61
CA LEU B 65 -15.47 -0.86 18.63
C LEU B 65 -15.01 -2.11 19.36
N PRO B 66 -13.95 -2.76 18.81
CA PRO B 66 -13.44 -4.05 19.28
C PRO B 66 -13.13 -4.03 20.77
N ASP B 67 -13.70 -3.07 21.48
CA ASP B 67 -13.46 -2.89 22.91
C ASP B 67 -14.77 -2.67 23.65
N GLY B 68 -15.82 -2.34 22.91
CA GLY B 68 -17.12 -2.12 23.51
C GLY B 68 -17.65 -0.70 23.35
N SER B 69 -16.79 0.21 22.89
CA SER B 69 -17.23 1.58 22.65
C SER B 69 -18.04 1.64 21.37
N LEU B 70 -18.91 2.64 21.27
CA LEU B 70 -19.63 2.89 20.04
C LEU B 70 -19.03 4.08 19.33
N ILE B 71 -18.74 3.92 18.04
CA ILE B 71 -18.19 5.01 17.25
C ILE B 71 -19.01 6.27 17.52
N GLU B 72 -18.34 7.42 17.46
CA GLU B 72 -19.03 8.69 17.57
C GLU B 72 -18.55 9.62 16.46
N PHE B 73 -19.48 10.31 15.82
CA PHE B 73 -19.12 11.21 14.73
C PHE B 73 -19.21 12.66 15.17
N ALA B 74 -18.20 13.44 14.79
CA ALA B 74 -18.12 14.85 15.15
C ALA B 74 -19.10 15.70 14.36
N GLY B 75 -19.70 15.13 13.31
CA GLY B 75 -20.68 15.84 12.51
C GLY B 75 -21.05 15.13 11.23
N VAL B 76 -22.36 15.06 10.96
CA VAL B 76 -22.85 14.48 9.73
C VAL B 76 -23.34 15.61 8.83
N TYR B 77 -22.50 15.99 7.87
CA TYR B 77 -22.76 17.16 7.05
C TYR B 77 -23.44 16.83 5.73
N PRO B 78 -24.56 17.51 5.45
CA PRO B 78 -25.17 17.42 4.13
C PRO B 78 -24.14 17.81 3.08
N LEU B 79 -24.06 17.02 2.02
CA LEU B 79 -23.04 17.25 0.99
C LEU B 79 -23.47 16.73 -0.37
N ASP B 80 -23.51 17.63 -1.34
CA ASP B 80 -23.70 17.23 -2.72
C ASP B 80 -22.45 17.60 -3.53
N ALA B 81 -21.69 16.60 -3.91
CA ALA B 81 -20.43 16.79 -4.61
C ALA B 81 -20.63 17.11 -6.09
N ALA B 82 -21.90 17.15 -6.51
CA ALA B 82 -22.22 17.59 -7.86
C ALA B 82 -22.24 19.12 -7.89
N PHE B 83 -22.06 19.72 -6.73
CA PHE B 83 -22.20 21.17 -6.58
C PHE B 83 -21.03 21.77 -5.79
N ASP B 84 -20.43 22.81 -6.36
CA ASP B 84 -19.23 23.42 -5.77
C ASP B 84 -19.58 24.59 -4.85
N LYS B 85 -20.27 25.58 -5.40
CA LYS B 85 -20.69 26.74 -4.64
C LYS B 85 -22.16 27.01 -4.92
N PRO B 86 -22.82 27.75 -4.04
CA PRO B 86 -24.29 27.78 -4.05
C PRO B 86 -24.84 28.25 -5.39
N GLU B 87 -24.06 29.07 -6.10
CA GLU B 87 -24.50 29.62 -7.37
C GLU B 87 -24.64 28.54 -8.44
N ASP B 88 -24.18 27.33 -8.12
CA ASP B 88 -24.18 26.23 -9.08
C ASP B 88 -25.36 25.28 -8.94
N VAL B 89 -26.16 25.47 -7.90
CA VAL B 89 -27.30 24.61 -7.66
C VAL B 89 -28.55 25.14 -8.36
N PRO B 90 -29.12 24.36 -9.29
CA PRO B 90 -30.32 24.71 -10.05
C PRO B 90 -31.50 25.10 -9.16
N GLN B 91 -32.57 25.58 -9.77
CA GLN B 91 -33.76 25.98 -9.03
C GLN B 91 -34.72 24.81 -8.84
N ASP B 92 -34.55 23.76 -9.64
CA ASP B 92 -35.31 22.53 -9.46
C ASP B 92 -34.90 21.93 -8.13
N ILE B 93 -33.61 21.69 -8.00
CA ILE B 93 -33.01 21.13 -6.78
C ILE B 93 -33.37 21.94 -5.54
N LYS B 94 -33.09 23.24 -5.58
CA LYS B 94 -33.43 24.13 -4.47
C LYS B 94 -34.86 23.90 -4.03
N ASP B 95 -35.72 23.52 -4.98
CA ASP B 95 -37.13 23.33 -4.74
C ASP B 95 -37.51 21.85 -4.63
N ASN B 96 -36.55 20.97 -4.92
CA ASN B 96 -36.79 19.54 -4.81
C ASN B 96 -37.10 19.15 -3.37
N LYS B 97 -38.23 18.47 -3.18
CA LYS B 97 -38.74 18.14 -1.85
C LYS B 97 -37.71 17.40 -0.98
N ARG B 98 -36.91 16.54 -1.60
CA ARG B 98 -35.99 15.67 -0.88
C ARG B 98 -34.77 16.44 -0.33
N TYR B 99 -34.58 17.67 -0.80
CA TYR B 99 -33.54 18.54 -0.27
C TYR B 99 -34.13 19.52 0.74
N ALA B 100 -35.31 19.18 1.27
CA ALA B 100 -36.08 20.10 2.09
C ALA B 100 -35.41 20.44 3.43
N GLY B 101 -35.31 21.74 3.72
CA GLY B 101 -34.81 22.20 5.01
C GLY B 101 -33.37 21.85 5.30
N VAL B 102 -32.54 21.89 4.27
CA VAL B 102 -31.09 21.74 4.44
C VAL B 102 -30.38 22.76 3.56
N ASP B 103 -29.29 23.30 4.06
CA ASP B 103 -28.46 24.19 3.24
C ASP B 103 -26.99 24.05 3.58
N GLY B 104 -26.15 24.74 2.81
CA GLY B 104 -24.71 24.61 2.97
C GLY B 104 -24.29 23.17 2.70
N TYR B 105 -24.64 22.66 1.52
CA TYR B 105 -24.27 21.30 1.16
C TYR B 105 -23.34 21.19 -0.05
N THR B 106 -23.03 22.33 -0.65
CA THR B 106 -22.03 22.37 -1.72
C THR B 106 -20.65 22.17 -1.12
N ILE B 107 -19.73 21.61 -1.89
CA ILE B 107 -18.38 21.33 -1.41
C ILE B 107 -17.78 22.54 -0.69
N LYS B 108 -17.64 23.66 -1.39
CA LYS B 108 -17.10 24.86 -0.78
C LYS B 108 -17.74 25.11 0.57
N GLU B 109 -19.07 25.04 0.60
CA GLU B 109 -19.83 25.38 1.81
C GLU B 109 -19.51 24.47 2.99
N VAL B 110 -19.45 23.17 2.73
CA VAL B 110 -19.16 22.20 3.79
C VAL B 110 -17.76 22.44 4.35
N ALA B 111 -16.80 22.66 3.45
CA ALA B 111 -15.42 22.93 3.84
C ALA B 111 -15.36 24.05 4.87
N VAL B 112 -16.10 25.12 4.60
CA VAL B 112 -16.15 26.25 5.52
C VAL B 112 -16.74 25.82 6.86
N LYS B 113 -17.88 25.12 6.80
CA LYS B 113 -18.56 24.65 8.00
C LYS B 113 -17.67 23.78 8.87
N VAL B 114 -16.84 22.97 8.23
CA VAL B 114 -15.94 22.08 8.97
C VAL B 114 -14.86 22.87 9.69
N LYS B 115 -14.34 23.90 9.04
CA LYS B 115 -13.26 24.71 9.60
C LYS B 115 -13.68 25.41 10.89
N GLN B 116 -14.82 26.10 10.85
CA GLN B 116 -15.34 26.83 12.01
CA GLN B 116 -15.33 26.82 12.01
C GLN B 116 -15.84 25.87 13.09
N ASP B 117 -16.29 24.69 12.67
CA ASP B 117 -16.82 23.69 13.59
C ASP B 117 -15.74 22.83 14.22
N LEU B 118 -14.68 22.54 13.46
CA LEU B 118 -13.69 21.55 13.88
C LEU B 118 -12.23 22.01 13.81
N GLY B 119 -11.97 23.03 12.98
CA GLY B 119 -10.61 23.56 12.82
C GLY B 119 -9.99 23.12 11.51
N ASN B 120 -8.66 22.99 11.49
CA ASN B 120 -7.97 22.37 10.36
C ASN B 120 -8.03 20.85 10.52
N ILE B 121 -7.98 20.13 9.41
CA ILE B 121 -8.07 18.67 9.43
C ILE B 121 -6.79 18.00 8.91
N ASP B 122 -6.76 16.68 8.98
CA ASP B 122 -5.56 15.93 8.66
C ASP B 122 -5.81 14.90 7.57
N ILE B 123 -7.04 14.42 7.48
CA ILE B 123 -7.36 13.26 6.65
C ILE B 123 -8.58 13.49 5.78
N LEU B 124 -8.47 13.13 4.50
CA LEU B 124 -9.59 13.31 3.58
C LEU B 124 -9.92 12.03 2.83
N VAL B 125 -11.14 11.53 3.02
CA VAL B 125 -11.58 10.30 2.37
C VAL B 125 -12.64 10.59 1.32
N HIS B 126 -12.46 10.06 0.11
CA HIS B 126 -13.36 10.30 -0.99
C HIS B 126 -14.03 9.00 -1.44
N SER B 127 -15.28 8.81 -1.03
CA SER B 127 -15.96 7.55 -1.20
C SER B 127 -17.32 7.74 -1.86
N LEU B 128 -17.34 8.20 -3.11
CA LEU B 128 -18.60 8.56 -3.75
C LEU B 128 -18.52 8.62 -5.28
N ALA B 129 -19.50 8.02 -5.94
CA ALA B 129 -19.55 7.98 -7.39
C ALA B 129 -21.00 7.85 -7.87
N ASN B 130 -21.28 8.36 -9.07
CA ASN B 130 -22.62 8.26 -9.63
C ASN B 130 -22.64 8.22 -11.17
N GLY B 131 -23.07 7.08 -11.71
CA GLY B 131 -23.22 6.91 -13.14
C GLY B 131 -24.69 6.77 -13.51
N PRO B 132 -25.25 7.80 -14.15
CA PRO B 132 -26.66 7.82 -14.53
C PRO B 132 -26.93 6.88 -15.69
N GLU B 133 -25.88 6.41 -16.35
CA GLU B 133 -26.02 5.45 -17.44
C GLU B 133 -25.06 4.28 -17.25
N VAL B 134 -24.82 3.95 -15.99
CA VAL B 134 -23.86 2.89 -15.64
C VAL B 134 -24.17 1.54 -16.30
N THR B 135 -25.45 1.24 -16.53
CA THR B 135 -25.85 -0.07 -17.06
C THR B 135 -25.74 -0.18 -18.59
N LYS B 136 -25.44 0.94 -19.25
CA LYS B 136 -25.30 0.98 -20.71
C LYS B 136 -23.84 0.93 -21.15
N PRO B 137 -23.52 0.07 -22.13
CA PRO B 137 -22.21 0.06 -22.78
C PRO B 137 -21.84 1.44 -23.32
N LEU B 138 -20.54 1.69 -23.45
CA LEU B 138 -20.03 3.00 -23.84
C LEU B 138 -20.62 3.43 -25.18
N LEU B 139 -20.79 2.49 -26.10
CA LEU B 139 -21.34 2.78 -27.43
C LEU B 139 -22.78 3.26 -27.35
N GLU B 140 -23.34 3.29 -26.15
CA GLU B 140 -24.72 3.68 -25.97
C GLU B 140 -24.84 4.85 -24.98
N THR B 141 -23.80 5.03 -24.18
CA THR B 141 -23.75 6.13 -23.20
C THR B 141 -23.78 7.49 -23.88
N SER B 142 -24.73 8.33 -23.50
CA SER B 142 -24.82 9.66 -24.09
C SER B 142 -23.91 10.65 -23.38
N ARG B 143 -23.61 11.74 -24.07
CA ARG B 143 -22.77 12.81 -23.54
C ARG B 143 -23.19 13.19 -22.12
N LYS B 144 -24.48 13.51 -21.98
CA LYS B 144 -25.08 13.87 -20.71
C LYS B 144 -24.66 12.91 -19.60
N GLY B 145 -24.85 11.61 -19.83
CA GLY B 145 -24.50 10.60 -18.85
C GLY B 145 -23.01 10.51 -18.60
N TYR B 146 -22.24 10.42 -19.68
CA TYR B 146 -20.78 10.41 -19.61
C TYR B 146 -20.30 11.52 -18.69
N LEU B 147 -20.69 12.75 -19.01
CA LEU B 147 -20.27 13.91 -18.24
C LEU B 147 -20.86 13.91 -16.84
N ALA B 148 -22.09 13.46 -16.70
CA ALA B 148 -22.68 13.29 -15.38
C ALA B 148 -21.87 12.27 -14.59
N ALA B 149 -21.43 11.22 -15.28
CA ALA B 149 -20.68 10.15 -14.63
C ALA B 149 -19.31 10.64 -14.19
N SER B 150 -18.77 11.60 -14.93
CA SER B 150 -17.43 12.11 -14.66
C SER B 150 -17.45 13.18 -13.58
N SER B 151 -18.39 14.11 -13.72
CA SER B 151 -18.56 15.18 -12.76
C SER B 151 -18.73 14.64 -11.34
N ASN B 152 -19.69 13.73 -11.19
CA ASN B 152 -20.00 13.15 -9.88
C ASN B 152 -18.86 12.33 -9.29
N SER B 153 -18.23 11.50 -10.13
CA SER B 153 -17.33 10.48 -9.63
C SER B 153 -15.84 10.84 -9.65
N ALA B 154 -15.48 11.85 -10.45
CA ALA B 154 -14.08 12.21 -10.61
C ALA B 154 -13.75 13.64 -10.15
N TYR B 155 -14.39 14.63 -10.77
CA TYR B 155 -14.07 16.01 -10.44
C TYR B 155 -14.39 16.33 -8.98
N SER B 156 -15.44 15.72 -8.46
CA SER B 156 -15.77 15.82 -7.05
C SER B 156 -14.52 15.71 -6.17
N PHE B 157 -13.58 14.85 -6.57
CA PHE B 157 -12.34 14.66 -5.83
C PHE B 157 -11.47 15.90 -5.93
N VAL B 158 -11.22 16.35 -7.15
CA VAL B 158 -10.39 17.53 -7.37
C VAL B 158 -10.96 18.74 -6.66
N SER B 159 -12.28 18.85 -6.64
CA SER B 159 -12.93 19.95 -5.95
C SER B 159 -12.83 19.79 -4.44
N LEU B 160 -12.91 18.55 -3.97
CA LEU B 160 -12.79 18.28 -2.54
C LEU B 160 -11.41 18.68 -2.05
N LEU B 161 -10.39 18.31 -2.80
CA LEU B 161 -9.03 18.73 -2.52
C LEU B 161 -8.91 20.26 -2.61
N GLN B 162 -9.48 20.83 -3.67
CA GLN B 162 -9.42 22.26 -3.90
C GLN B 162 -9.93 23.10 -2.74
N HIS B 163 -10.84 22.54 -1.93
CA HIS B 163 -11.47 23.29 -0.86
C HIS B 163 -11.05 22.85 0.54
N PHE B 164 -10.73 21.57 0.68
CA PHE B 164 -10.26 21.04 1.95
C PHE B 164 -8.75 21.17 2.07
N GLY B 165 -8.07 21.14 0.94
CA GLY B 165 -6.62 21.28 0.92
C GLY B 165 -6.13 22.46 1.72
N PRO B 166 -6.71 23.66 1.45
CA PRO B 166 -6.39 24.90 2.16
C PRO B 166 -6.61 24.84 3.67
N ILE B 167 -7.30 23.81 4.15
CA ILE B 167 -7.53 23.64 5.57
C ILE B 167 -7.01 22.29 6.08
N MET B 168 -6.11 21.68 5.31
CA MET B 168 -5.49 20.42 5.71
C MET B 168 -4.07 20.68 6.24
N ASN B 169 -3.79 20.19 7.44
CA ASN B 169 -2.47 20.31 8.03
C ASN B 169 -1.41 19.71 7.10
N GLU B 170 -0.14 20.02 7.37
CA GLU B 170 0.95 19.42 6.61
C GLU B 170 1.13 17.96 6.98
N GLY B 171 1.42 17.14 5.98
CA GLY B 171 1.56 15.70 6.18
C GLY B 171 0.20 15.02 6.27
N GLY B 172 -0.86 15.78 6.07
CA GLY B 172 -2.19 15.20 5.98
C GLY B 172 -2.27 14.33 4.73
N SER B 173 -3.31 13.52 4.64
CA SER B 173 -3.45 12.62 3.50
C SER B 173 -4.89 12.49 2.99
N ALA B 174 -5.02 12.12 1.72
CA ALA B 174 -6.34 12.02 1.08
C ALA B 174 -6.44 10.77 0.22
N VAL B 175 -7.59 10.11 0.26
CA VAL B 175 -7.75 8.83 -0.42
C VAL B 175 -9.09 8.72 -1.17
N THR B 176 -9.03 8.09 -2.34
CA THR B 176 -10.19 7.97 -3.21
C THR B 176 -10.26 6.54 -3.76
N LEU B 177 -11.46 6.04 -4.02
CA LEU B 177 -11.63 4.63 -4.41
C LEU B 177 -11.98 4.41 -5.88
N SER B 178 -11.16 3.61 -6.56
CA SER B 178 -11.30 3.35 -7.99
C SER B 178 -11.62 1.89 -8.29
N TYR B 179 -11.93 1.59 -9.54
CA TYR B 179 -12.18 0.20 -9.95
C TYR B 179 -11.37 -0.25 -11.17
N LEU B 180 -10.94 -1.50 -11.13
CA LEU B 180 -10.13 -2.12 -12.17
C LEU B 180 -10.52 -1.71 -13.59
N ALA B 181 -11.83 -1.52 -13.80
CA ALA B 181 -12.35 -1.15 -15.12
C ALA B 181 -11.63 0.07 -15.69
N ALA B 182 -10.98 0.82 -14.81
CA ALA B 182 -10.24 2.02 -15.20
C ALA B 182 -9.02 1.67 -16.05
N GLU B 183 -8.46 0.48 -15.82
CA GLU B 183 -7.25 0.05 -16.54
C GLU B 183 -7.56 -1.00 -17.61
N ARG B 184 -8.33 -2.02 -17.23
CA ARG B 184 -8.75 -3.03 -18.19
C ARG B 184 -10.26 -3.04 -18.38
N VAL B 185 -10.70 -3.50 -19.54
CA VAL B 185 -12.12 -3.53 -19.88
C VAL B 185 -12.91 -4.48 -18.99
N VAL B 186 -13.82 -3.93 -18.20
CA VAL B 186 -14.76 -4.74 -17.41
C VAL B 186 -16.18 -4.53 -17.91
N PRO B 187 -16.65 -5.44 -18.77
CA PRO B 187 -18.01 -5.41 -19.30
C PRO B 187 -19.03 -5.16 -18.19
N GLY B 188 -20.01 -4.30 -18.46
CA GLY B 188 -21.04 -4.00 -17.48
C GLY B 188 -20.73 -2.74 -16.69
N TYR B 189 -19.45 -2.41 -16.57
CA TYR B 189 -19.06 -1.15 -15.97
C TYR B 189 -19.10 -0.07 -17.02
N GLY B 190 -20.30 0.18 -17.55
CA GLY B 190 -20.47 1.14 -18.62
C GLY B 190 -20.89 2.51 -18.11
N GLY B 191 -21.58 3.26 -18.96
CA GLY B 191 -22.03 4.59 -18.60
C GLY B 191 -20.91 5.59 -18.44
N GLY B 192 -19.71 5.19 -18.86
CA GLY B 192 -18.55 6.06 -18.75
C GLY B 192 -18.00 6.16 -17.33
N MET B 193 -18.35 5.18 -16.49
CA MET B 193 -17.82 5.11 -15.14
C MET B 193 -16.36 4.69 -15.19
N SER B 194 -16.03 3.82 -16.14
CA SER B 194 -14.66 3.38 -16.37
C SER B 194 -13.80 4.56 -16.76
N SER B 195 -14.27 5.34 -17.73
CA SER B 195 -13.58 6.53 -18.19
C SER B 195 -13.23 7.42 -17.01
N ALA B 196 -14.25 7.76 -16.23
CA ALA B 196 -14.08 8.61 -15.05
C ALA B 196 -13.09 8.03 -14.03
N LYS B 197 -13.31 6.79 -13.62
CA LYS B 197 -12.40 6.11 -12.71
C LYS B 197 -10.95 6.31 -13.16
N ALA B 198 -10.69 6.14 -14.46
CA ALA B 198 -9.37 6.39 -15.01
C ALA B 198 -8.92 7.82 -14.79
N ALA B 199 -9.83 8.77 -14.97
CA ALA B 199 -9.53 10.17 -14.69
C ALA B 199 -9.28 10.36 -13.20
N LEU B 200 -9.99 9.60 -12.37
CA LEU B 200 -9.82 9.68 -10.93
C LEU B 200 -8.42 9.23 -10.53
N GLU B 201 -7.91 8.22 -11.22
CA GLU B 201 -6.57 7.73 -10.95
C GLU B 201 -5.51 8.72 -11.41
N SER B 202 -5.67 9.23 -12.64
CA SER B 202 -4.75 10.22 -13.15
C SER B 202 -4.71 11.40 -12.19
N ASP B 203 -5.90 11.89 -11.84
CA ASP B 203 -5.99 13.03 -10.95
C ASP B 203 -5.40 12.73 -9.57
N THR B 204 -5.52 11.48 -9.12
CA THR B 204 -4.87 11.05 -7.90
C THR B 204 -3.37 11.32 -8.01
N ARG B 205 -2.79 10.99 -9.16
CA ARG B 205 -1.39 11.27 -9.42
C ARG B 205 -1.14 12.77 -9.55
N THR B 206 -1.82 13.41 -10.50
CA THR B 206 -1.67 14.84 -10.74
C THR B 206 -1.78 15.67 -9.46
N LEU B 207 -2.64 15.23 -8.55
CA LEU B 207 -2.87 15.96 -7.30
C LEU B 207 -1.80 15.64 -6.27
N ALA B 208 -1.37 14.38 -6.23
CA ALA B 208 -0.27 14.00 -5.37
C ALA B 208 0.85 15.01 -5.58
N TRP B 209 0.94 15.52 -6.80
CA TRP B 209 1.99 16.49 -7.16
C TRP B 209 1.62 17.89 -6.71
N GLU B 210 0.40 18.32 -6.99
CA GLU B 210 -0.01 19.68 -6.64
C GLU B 210 -0.25 19.85 -5.13
N ALA B 211 -0.78 18.81 -4.50
CA ALA B 211 -1.05 18.84 -3.06
C ALA B 211 0.20 18.53 -2.24
N GLY B 212 1.10 17.75 -2.82
CA GLY B 212 2.37 17.46 -2.17
C GLY B 212 3.19 18.71 -2.05
N GLN B 213 3.20 19.52 -3.11
CA GLN B 213 4.07 20.69 -3.20
C GLN B 213 3.48 21.92 -2.53
N LYS B 214 2.20 22.16 -2.77
CA LYS B 214 1.54 23.35 -2.23
C LYS B 214 1.20 23.20 -0.75
N TYR B 215 0.67 22.02 -0.38
CA TYR B 215 0.16 21.80 0.97
C TYR B 215 0.94 20.78 1.78
N GLY B 216 1.78 19.99 1.12
CA GLY B 216 2.52 18.91 1.78
C GLY B 216 1.58 17.76 2.13
N VAL B 217 0.57 17.58 1.30
CA VAL B 217 -0.46 16.57 1.53
C VAL B 217 -0.38 15.40 0.57
N ARG B 218 -0.30 14.19 1.11
CA ARG B 218 -0.25 12.97 0.32
C ARG B 218 -1.62 12.66 -0.26
N VAL B 219 -1.64 12.04 -1.44
CA VAL B 219 -2.89 11.75 -2.14
C VAL B 219 -2.77 10.42 -2.86
N ASN B 220 -3.65 9.48 -2.51
CA ASN B 220 -3.56 8.12 -3.04
C ASN B 220 -4.92 7.53 -3.41
N ALA B 221 -4.89 6.47 -4.22
CA ALA B 221 -6.13 5.76 -4.55
C ALA B 221 -6.07 4.28 -4.18
N ILE B 222 -7.24 3.73 -3.88
CA ILE B 222 -7.39 2.29 -3.74
C ILE B 222 -8.25 1.78 -4.88
N SER B 223 -7.66 0.99 -5.77
CA SER B 223 -8.46 0.21 -6.70
C SER B 223 -8.91 -1.04 -5.94
N ALA B 224 -10.21 -1.14 -5.68
CA ALA B 224 -10.75 -2.15 -4.79
C ALA B 224 -11.64 -3.16 -5.50
N GLY B 225 -11.84 -4.31 -4.87
CA GLY B 225 -12.63 -5.40 -5.44
C GLY B 225 -14.10 -5.31 -5.13
N PRO B 226 -14.91 -6.17 -5.78
CA PRO B 226 -16.36 -6.18 -5.64
C PRO B 226 -16.87 -6.29 -4.20
N LEU B 227 -17.72 -5.35 -3.80
CA LEU B 227 -18.38 -5.37 -2.50
C LEU B 227 -19.85 -4.97 -2.65
N LYS B 228 -20.74 -5.73 -2.01
CA LYS B 228 -22.18 -5.50 -2.16
C LYS B 228 -22.70 -4.38 -1.28
N SER B 229 -22.24 -3.15 -1.56
CA SER B 229 -22.81 -1.96 -0.95
C SER B 229 -24.22 -1.78 -1.51
N ARG B 230 -24.94 -0.80 -1.00
CA ARG B 230 -26.25 -0.48 -1.55
C ARG B 230 -26.09 0.17 -2.93
N ALA B 231 -25.06 0.98 -3.09
CA ALA B 231 -24.76 1.61 -4.37
C ALA B 231 -24.43 0.56 -5.43
N ALA B 232 -23.83 -0.55 -4.99
CA ALA B 232 -23.51 -1.65 -5.89
C ALA B 232 -24.74 -2.49 -6.23
N SER B 233 -25.58 -2.72 -5.23
CA SER B 233 -26.76 -3.56 -5.39
C SER B 233 -27.74 -2.99 -6.42
N ALA B 234 -27.58 -1.71 -6.75
CA ALA B 234 -28.63 -0.98 -7.48
C ALA B 234 -28.45 -0.89 -8.99
N ILE B 235 -27.52 -1.66 -9.54
CA ILE B 235 -27.25 -1.63 -10.98
C ILE B 235 -28.26 -2.45 -11.79
N LYS B 241 -30.29 -12.29 -8.85
CA LYS B 241 -28.84 -12.41 -8.98
C LYS B 241 -28.28 -11.26 -9.82
N SER B 242 -27.73 -10.26 -9.15
CA SER B 242 -27.38 -9.00 -9.81
C SER B 242 -25.99 -8.98 -10.45
N PHE B 243 -25.67 -7.83 -11.06
CA PHE B 243 -24.40 -7.61 -11.76
C PHE B 243 -23.20 -7.74 -10.82
N ILE B 244 -23.42 -7.46 -9.54
CA ILE B 244 -22.33 -7.54 -8.56
C ILE B 244 -22.33 -8.87 -7.80
N ASP B 245 -23.46 -9.57 -7.80
CA ASP B 245 -23.49 -10.92 -7.28
C ASP B 245 -22.60 -11.81 -8.15
N TYR B 246 -22.67 -11.58 -9.45
CA TYR B 246 -21.82 -12.29 -10.40
C TYR B 246 -20.40 -11.78 -10.31
N ALA B 247 -20.26 -10.50 -9.99
CA ALA B 247 -18.95 -9.90 -9.80
C ALA B 247 -18.19 -10.59 -8.69
N ILE B 248 -18.84 -10.73 -7.53
CA ILE B 248 -18.23 -11.36 -6.38
C ILE B 248 -17.79 -12.79 -6.67
N ASP B 249 -18.66 -13.53 -7.37
CA ASP B 249 -18.37 -14.92 -7.72
C ASP B 249 -17.10 -15.04 -8.55
N TYR B 250 -17.01 -14.23 -9.62
CA TYR B 250 -15.83 -14.26 -10.49
C TYR B 250 -14.56 -14.07 -9.67
N SER B 251 -14.50 -12.97 -8.93
CA SER B 251 -13.32 -12.64 -8.12
C SER B 251 -12.98 -13.73 -7.11
N TYR B 252 -14.00 -14.40 -6.58
CA TYR B 252 -13.79 -15.47 -5.62
C TYR B 252 -13.13 -16.68 -6.28
N ASN B 253 -13.53 -16.95 -7.52
CA ASN B 253 -13.04 -18.14 -8.24
C ASN B 253 -11.70 -17.94 -8.94
N ASN B 254 -11.39 -16.70 -9.31
CA ASN B 254 -10.24 -16.44 -10.19
C ASN B 254 -9.04 -15.75 -9.54
N ALA B 255 -9.23 -15.22 -8.33
CA ALA B 255 -8.17 -14.48 -7.65
C ALA B 255 -7.20 -15.41 -6.92
N PRO B 256 -6.01 -14.89 -6.59
CA PRO B 256 -4.97 -15.61 -5.86
C PRO B 256 -5.46 -16.03 -4.48
N LEU B 257 -6.18 -15.14 -3.81
CA LEU B 257 -6.71 -15.43 -2.49
C LEU B 257 -8.16 -15.89 -2.60
N ARG B 258 -8.41 -17.16 -2.28
CA ARG B 258 -9.77 -17.65 -2.23
C ARG B 258 -10.37 -17.30 -0.88
N ARG B 259 -10.87 -16.07 -0.78
CA ARG B 259 -11.47 -15.58 0.45
C ARG B 259 -12.50 -14.51 0.13
N ASP B 260 -13.39 -14.24 1.07
CA ASP B 260 -14.41 -13.22 0.91
C ASP B 260 -13.82 -11.83 1.07
N LEU B 261 -14.37 -10.87 0.34
CA LEU B 261 -13.89 -9.49 0.40
C LEU B 261 -14.82 -8.66 1.28
N HIS B 262 -14.39 -8.38 2.50
CA HIS B 262 -15.19 -7.61 3.44
C HIS B 262 -14.98 -6.10 3.30
N SER B 263 -16.03 -5.33 3.61
CA SER B 263 -15.95 -3.88 3.58
C SER B 263 -14.61 -3.44 4.14
N ASP B 264 -14.25 -4.04 5.28
CA ASP B 264 -13.11 -3.64 6.09
C ASP B 264 -11.77 -3.66 5.36
N ASP B 265 -11.48 -4.78 4.72
CA ASP B 265 -10.21 -4.96 4.05
C ASP B 265 -9.78 -3.70 3.31
N VAL B 266 -10.77 -2.92 2.87
CA VAL B 266 -10.51 -1.61 2.27
C VAL B 266 -10.30 -0.56 3.37
N GLY B 267 -11.06 -0.68 4.45
CA GLY B 267 -10.89 0.18 5.60
C GLY B 267 -9.47 0.05 6.15
N GLY B 268 -9.06 -1.20 6.40
CA GLY B 268 -7.68 -1.47 6.80
C GLY B 268 -6.71 -0.71 5.91
N ALA B 269 -6.65 -1.10 4.64
CA ALA B 269 -5.80 -0.43 3.66
C ALA B 269 -5.91 1.09 3.77
N ALA B 270 -7.14 1.59 3.84
CA ALA B 270 -7.37 3.03 3.91
C ALA B 270 -6.70 3.62 5.14
N LEU B 271 -6.91 2.99 6.28
CA LEU B 271 -6.27 3.42 7.52
C LEU B 271 -4.80 3.72 7.24
N PHE B 272 -4.11 2.72 6.71
CA PHE B 272 -2.69 2.83 6.38
C PHE B 272 -2.37 4.11 5.60
N LEU B 273 -2.88 4.19 4.38
CA LEU B 273 -2.61 5.33 3.51
C LEU B 273 -2.92 6.65 4.19
N LEU B 274 -3.66 6.58 5.29
CA LEU B 274 -4.08 7.77 6.03
C LEU B 274 -3.31 7.94 7.34
N SER B 275 -2.45 6.97 7.64
CA SER B 275 -1.65 7.00 8.85
C SER B 275 -0.22 7.44 8.55
N PRO B 276 0.51 7.88 9.58
CA PRO B 276 1.92 8.26 9.46
C PRO B 276 2.76 7.19 8.77
N LEU B 277 2.45 5.92 9.03
CA LEU B 277 3.20 4.82 8.44
C LEU B 277 3.40 5.00 6.94
N ALA B 278 2.50 5.74 6.32
CA ALA B 278 2.52 5.92 4.86
C ALA B 278 3.01 7.32 4.47
N ARG B 279 3.91 7.87 5.27
CA ARG B 279 4.38 9.24 5.07
C ARG B 279 5.16 9.43 3.76
N ALA B 280 5.65 8.33 3.20
CA ALA B 280 6.39 8.38 1.95
C ALA B 280 5.55 7.98 0.75
N VAL B 281 4.25 7.76 0.98
CA VAL B 281 3.38 7.15 -0.04
C VAL B 281 2.39 8.13 -0.68
N SER B 282 2.57 8.39 -1.98
CA SER B 282 1.73 9.39 -2.65
C SER B 282 1.60 9.12 -4.16
N GLY B 283 0.41 9.39 -4.70
CA GLY B 283 0.12 9.14 -6.12
C GLY B 283 -0.06 7.67 -6.45
N VAL B 284 -0.30 6.86 -5.42
CA VAL B 284 -0.32 5.41 -5.57
C VAL B 284 -1.72 4.86 -5.84
N THR B 285 -1.81 3.84 -6.68
CA THR B 285 -3.03 3.08 -6.82
C THR B 285 -2.82 1.72 -6.14
N LEU B 286 -3.44 1.52 -4.98
CA LEU B 286 -3.20 0.30 -4.21
C LEU B 286 -4.34 -0.70 -4.34
N TYR B 287 -4.02 -1.87 -4.91
CA TYR B 287 -5.03 -2.91 -5.16
C TYR B 287 -5.41 -3.69 -3.90
N VAL B 288 -6.59 -3.41 -3.38
CA VAL B 288 -7.18 -4.18 -2.31
C VAL B 288 -8.31 -5.01 -2.92
N ASP B 289 -7.96 -6.16 -3.48
CA ASP B 289 -8.88 -6.91 -4.33
C ASP B 289 -8.61 -8.42 -4.31
N ASN B 290 -8.01 -8.90 -3.23
CA ASN B 290 -7.62 -10.30 -3.12
C ASN B 290 -6.64 -10.75 -4.21
N GLY B 291 -6.01 -9.77 -4.86
CA GLY B 291 -4.93 -10.04 -5.81
C GLY B 291 -5.35 -10.36 -7.24
N LEU B 292 -6.62 -10.10 -7.56
CA LEU B 292 -7.16 -10.43 -8.88
C LEU B 292 -6.58 -9.56 -9.99
N HIS B 293 -6.04 -8.41 -9.61
CA HIS B 293 -5.38 -7.54 -10.59
C HIS B 293 -4.20 -8.25 -11.25
N ALA B 294 -3.62 -9.21 -10.54
CA ALA B 294 -2.38 -9.84 -10.98
C ALA B 294 -2.59 -10.96 -12.00
N MET B 295 -3.79 -11.53 -12.02
CA MET B 295 -4.11 -12.60 -12.97
C MET B 295 -4.24 -12.05 -14.39
N GLY B 296 -3.77 -12.82 -15.36
CA GLY B 296 -3.90 -12.45 -16.76
C GLY B 296 -4.73 -13.47 -17.50
N GLN B 297 -5.60 -14.15 -16.77
CA GLN B 297 -6.37 -15.25 -17.32
C GLN B 297 -7.38 -15.77 -16.32
N ALA B 298 -8.61 -15.98 -16.76
CA ALA B 298 -9.59 -16.66 -15.95
C ALA B 298 -9.16 -18.12 -15.81
N VAL B 299 -9.14 -18.62 -14.58
CA VAL B 299 -8.80 -20.02 -14.36
C VAL B 299 -10.03 -20.92 -14.46
N ASP B 300 -11.21 -20.33 -14.30
CA ASP B 300 -12.47 -21.08 -14.37
C ASP B 300 -13.17 -20.96 -15.72
N SER B 301 -12.51 -20.31 -16.68
CA SER B 301 -13.04 -20.17 -18.04
C SER B 301 -13.61 -21.48 -18.56
N ARG B 302 -14.61 -21.40 -19.43
CA ARG B 302 -15.18 -22.59 -20.05
C ARG B 302 -14.26 -23.15 -21.12
N SER B 303 -13.10 -22.51 -21.29
CA SER B 303 -12.15 -22.89 -22.34
C SER B 303 -11.12 -23.92 -21.89
N MET B 304 -10.85 -23.94 -20.59
CA MET B 304 -10.04 -25.00 -20.00
C MET B 304 -11.00 -26.06 -19.43
N PRO B 305 -10.49 -27.27 -19.16
CA PRO B 305 -11.31 -28.26 -18.45
C PRO B 305 -11.57 -27.80 -17.02
N PRO B 306 -12.56 -28.41 -16.34
CA PRO B 306 -12.97 -27.93 -15.02
C PRO B 306 -11.92 -28.19 -13.94
#